data_2KKF
#
_entry.id   2KKF
#
loop_
_entity.id
_entity.type
_entity.pdbx_description
1 polymer 'Histone-lysine N-methyltransferase HRX'
2 polymer "5'-D(*CP*CP*CP*TP*GP*CP*GP*CP*AP*GP*GP*G)-3'"
3 non-polymer 'ZINC ION'
#
loop_
_entity_poly.entity_id
_entity_poly.type
_entity_poly.pdbx_seq_one_letter_code
_entity_poly.pdbx_strand_id
1 'polypeptide(L)' GSKKGRRSRRCGQCPGCQVPEDCGVCTNCLDKPKFGGRNIKKQCCKMRKCQNLQWMPSK A
2 'polydeoxyribonucleotide' (DC)(DC)(DC)(DT)(DG)(DC)(DG)(DC)(DA)(DG)(DG)(DG) B,C
#
# COMPACT_ATOMS: atom_id res chain seq x y z
N LYS A 3 -7.11 11.00 -10.76
CA LYS A 3 -7.52 11.02 -12.20
C LYS A 3 -8.80 10.17 -12.41
N LYS A 4 -8.85 9.38 -13.49
CA LYS A 4 -10.02 8.56 -13.78
C LYS A 4 -9.66 7.08 -14.00
N GLY A 5 -8.40 6.70 -13.72
CA GLY A 5 -7.99 5.32 -13.90
C GLY A 5 -6.86 4.91 -12.99
N ARG A 6 -7.17 4.10 -11.97
CA ARG A 6 -6.18 3.60 -11.03
C ARG A 6 -5.52 2.34 -11.59
N ARG A 7 -6.22 1.24 -11.40
CA ARG A 7 -5.80 -0.09 -11.86
C ARG A 7 -4.29 -0.33 -11.72
N SER A 8 -3.89 -0.94 -10.60
CA SER A 8 -2.48 -1.23 -10.35
C SER A 8 -2.31 -2.47 -9.47
N ARG A 9 -1.24 -3.23 -9.75
CA ARG A 9 -0.96 -4.48 -9.03
C ARG A 9 0.47 -4.54 -8.48
N ARG A 10 0.62 -5.13 -7.30
CA ARG A 10 1.94 -5.26 -6.66
C ARG A 10 2.84 -6.19 -7.49
N CYS A 11 4.10 -5.78 -7.71
CA CYS A 11 5.05 -6.58 -8.48
C CYS A 11 5.36 -7.93 -7.84
N GLY A 12 5.60 -7.93 -6.52
CA GLY A 12 5.90 -9.16 -5.81
C GLY A 12 7.39 -9.37 -5.56
N GLN A 13 8.24 -8.49 -6.11
CA GLN A 13 9.69 -8.61 -5.94
C GLN A 13 10.32 -7.40 -5.24
N CYS A 14 9.60 -6.28 -5.16
CA CYS A 14 10.12 -5.07 -4.52
C CYS A 14 10.16 -5.21 -3.00
N PRO A 15 11.08 -4.48 -2.32
CA PRO A 15 11.23 -4.53 -0.86
C PRO A 15 9.94 -4.18 -0.12
N GLY A 16 9.11 -3.33 -0.72
CA GLY A 16 7.83 -2.97 -0.09
C GLY A 16 6.86 -4.13 -0.12
N CYS A 17 6.91 -4.91 -1.20
CA CYS A 17 6.05 -6.09 -1.36
C CYS A 17 6.47 -7.22 -0.41
N GLN A 18 7.73 -7.16 0.08
CA GLN A 18 8.24 -8.17 0.98
C GLN A 18 7.76 -7.95 2.41
N VAL A 19 7.28 -6.74 2.73
CA VAL A 19 6.76 -6.48 4.08
C VAL A 19 5.37 -7.11 4.18
N PRO A 20 5.23 -8.16 5.02
CA PRO A 20 3.96 -8.90 5.15
C PRO A 20 2.93 -8.25 6.07
N GLU A 21 3.32 -7.26 6.88
CA GLU A 21 2.37 -6.64 7.79
C GLU A 21 2.63 -5.15 7.99
N ASP A 22 1.54 -4.42 8.23
CA ASP A 22 1.58 -2.98 8.47
C ASP A 22 2.49 -2.66 9.66
N CYS A 23 3.38 -1.69 9.48
CA CYS A 23 4.30 -1.28 10.54
C CYS A 23 3.53 -0.80 11.78
N GLY A 24 2.40 -0.14 11.54
CA GLY A 24 1.56 0.36 12.62
C GLY A 24 1.95 1.73 13.14
N VAL A 25 3.03 2.32 12.61
CA VAL A 25 3.48 3.64 13.08
C VAL A 25 3.38 4.73 12.00
N CYS A 26 3.33 4.34 10.73
CA CYS A 26 3.24 5.30 9.64
C CYS A 26 1.84 5.92 9.56
N THR A 27 1.78 7.13 9.05
CA THR A 27 0.52 7.88 8.92
C THR A 27 -0.55 7.11 8.13
N ASN A 28 -0.14 6.23 7.22
CA ASN A 28 -1.11 5.46 6.43
C ASN A 28 -1.75 4.38 7.29
N CYS A 29 -0.94 3.71 8.09
CA CYS A 29 -1.43 2.67 8.99
C CYS A 29 -2.30 3.30 10.06
N LEU A 30 -1.83 4.41 10.64
CA LEU A 30 -2.58 5.12 11.67
C LEU A 30 -3.93 5.60 11.12
N ASP A 31 -3.95 5.95 9.83
CA ASP A 31 -5.18 6.44 9.19
C ASP A 31 -6.23 5.33 9.11
N LYS A 32 -5.79 4.08 9.01
CA LYS A 32 -6.70 2.94 8.94
C LYS A 32 -7.43 2.77 10.28
N PRO A 33 -8.69 2.31 10.25
CA PRO A 33 -9.49 2.11 11.47
C PRO A 33 -8.83 1.15 12.46
N LYS A 34 -8.20 0.10 11.92
CA LYS A 34 -7.52 -0.92 12.75
C LYS A 34 -6.44 -0.31 13.67
N PHE A 35 -5.97 0.90 13.32
CA PHE A 35 -4.93 1.57 14.11
C PHE A 35 -5.49 2.80 14.85
N GLY A 36 -6.83 2.92 14.89
CA GLY A 36 -7.46 4.04 15.59
C GLY A 36 -7.81 5.21 14.69
N GLY A 37 -7.44 5.14 13.41
CA GLY A 37 -7.73 6.23 12.50
C GLY A 37 -9.18 6.27 12.05
N ARG A 38 -9.50 7.28 11.25
CA ARG A 38 -10.85 7.44 10.71
C ARG A 38 -10.96 6.95 9.27
N ASN A 39 -9.81 6.73 8.61
CA ASN A 39 -9.76 6.28 7.22
C ASN A 39 -9.99 7.44 6.27
N ILE A 40 -9.09 8.42 6.36
CA ILE A 40 -9.14 9.62 5.52
C ILE A 40 -8.15 9.53 4.35
N LYS A 41 -7.03 8.82 4.57
CA LYS A 41 -6.01 8.64 3.53
C LYS A 41 -6.40 7.48 2.62
N LYS A 42 -6.73 6.35 3.24
CA LYS A 42 -7.13 5.14 2.53
C LYS A 42 -6.02 4.65 1.61
N GLN A 43 -4.83 4.43 2.17
CA GLN A 43 -3.69 3.97 1.39
C GLN A 43 -2.94 2.84 2.08
N CYS A 44 -2.02 2.22 1.36
CA CYS A 44 -1.23 1.11 1.86
C CYS A 44 -0.11 1.57 2.79
N CYS A 45 0.31 0.68 3.69
CA CYS A 45 1.40 0.97 4.62
C CYS A 45 2.61 1.52 3.88
N LYS A 46 3.25 2.55 4.47
CA LYS A 46 4.44 3.18 3.89
C LYS A 46 5.56 2.16 3.68
N MET A 47 5.61 1.16 4.55
CA MET A 47 6.62 0.09 4.46
C MET A 47 6.20 -1.00 3.47
N ARG A 48 4.91 -1.00 3.08
CA ARG A 48 4.40 -2.01 2.17
C ARG A 48 4.10 -1.45 0.76
N LYS A 49 4.29 -0.14 0.56
CA LYS A 49 4.05 0.48 -0.74
C LYS A 49 4.98 -0.09 -1.81
N CYS A 50 4.38 -0.67 -2.84
CA CYS A 50 5.13 -1.25 -3.95
C CYS A 50 5.95 -0.20 -4.69
N GLN A 51 7.24 -0.50 -4.88
CA GLN A 51 8.18 0.41 -5.56
C GLN A 51 8.24 0.16 -7.08
N ASN A 52 7.56 -0.89 -7.54
CA ASN A 52 7.53 -1.23 -8.97
C ASN A 52 6.15 -1.75 -9.37
N LEU A 53 5.14 -0.92 -9.13
CA LEU A 53 3.76 -1.27 -9.45
C LEU A 53 3.50 -1.45 -10.95
N GLN A 54 2.59 -2.36 -11.26
CA GLN A 54 2.22 -2.63 -12.65
C GLN A 54 0.73 -2.35 -12.83
N TRP A 55 0.37 -1.75 -13.96
CA TRP A 55 -1.03 -1.43 -14.23
C TRP A 55 -1.71 -2.55 -15.02
N MET A 56 -2.46 -3.37 -14.29
CA MET A 56 -3.22 -4.49 -14.84
C MET A 56 -2.30 -5.48 -15.57
N PRO A 57 -1.61 -6.35 -14.81
CA PRO A 57 -0.71 -7.35 -15.37
C PRO A 57 -1.46 -8.58 -15.87
N SER A 58 -2.03 -9.37 -14.94
CA SER A 58 -2.79 -10.56 -15.29
C SER A 58 -4.23 -10.18 -15.65
N LYS A 59 -4.90 -9.46 -14.75
CA LYS A 59 -6.28 -9.04 -14.97
C LYS A 59 -6.32 -7.71 -15.72
N LYS A 3 -2.98 12.98 -14.67
CA LYS A 3 -4.37 12.71 -14.21
C LYS A 3 -4.85 11.29 -14.54
N LYS A 4 -4.15 10.61 -15.46
CA LYS A 4 -4.50 9.25 -15.85
C LYS A 4 -3.41 8.26 -15.45
N GLY A 5 -3.55 7.69 -14.25
CA GLY A 5 -2.56 6.73 -13.76
C GLY A 5 -3.19 5.46 -13.18
N ARG A 6 -4.50 5.28 -13.39
CA ARG A 6 -5.21 4.10 -12.89
C ARG A 6 -4.57 2.81 -13.39
N ARG A 7 -4.99 1.68 -12.80
CA ARG A 7 -4.47 0.36 -13.16
C ARG A 7 -3.05 0.18 -12.62
N SER A 8 -2.94 -0.52 -11.49
CA SER A 8 -1.63 -0.75 -10.86
C SER A 8 -1.64 -1.99 -9.96
N ARG A 9 -0.65 -2.85 -10.19
CA ARG A 9 -0.53 -4.13 -9.47
C ARG A 9 0.82 -4.28 -8.77
N ARG A 10 0.82 -4.84 -7.56
CA ARG A 10 2.04 -5.06 -6.81
C ARG A 10 2.93 -6.06 -7.56
N CYS A 11 4.21 -5.73 -7.72
CA CYS A 11 5.16 -6.58 -8.44
C CYS A 11 5.35 -7.93 -7.75
N GLY A 12 5.52 -7.94 -6.43
CA GLY A 12 5.71 -9.18 -5.71
C GLY A 12 7.18 -9.47 -5.40
N GLN A 13 8.09 -8.64 -5.92
CA GLN A 13 9.52 -8.84 -5.70
C GLN A 13 10.19 -7.65 -5.00
N CYS A 14 9.50 -6.51 -4.91
CA CYS A 14 10.06 -5.32 -4.26
C CYS A 14 10.01 -5.45 -2.74
N PRO A 15 10.90 -4.71 -2.03
CA PRO A 15 10.98 -4.75 -0.55
C PRO A 15 9.67 -4.34 0.12
N GLY A 16 8.90 -3.45 -0.53
CA GLY A 16 7.63 -3.03 0.02
C GLY A 16 6.60 -4.15 -0.03
N CYS A 17 6.65 -4.94 -1.11
CA CYS A 17 5.75 -6.07 -1.30
C CYS A 17 6.09 -7.21 -0.32
N GLN A 18 7.32 -7.21 0.19
CA GLN A 18 7.77 -8.23 1.13
C GLN A 18 7.24 -7.98 2.54
N VAL A 19 6.81 -6.75 2.84
CA VAL A 19 6.24 -6.44 4.16
C VAL A 19 4.82 -7.01 4.22
N PRO A 20 4.61 -8.06 5.05
CA PRO A 20 3.32 -8.76 5.15
C PRO A 20 2.30 -8.12 6.10
N GLU A 21 2.72 -7.17 6.93
CA GLU A 21 1.78 -6.56 7.88
C GLU A 21 2.09 -5.09 8.12
N ASP A 22 1.02 -4.33 8.39
CA ASP A 22 1.13 -2.91 8.68
C ASP A 22 2.01 -2.68 9.93
N CYS A 23 2.96 -1.78 9.79
CA CYS A 23 3.89 -1.44 10.88
C CYS A 23 3.13 -0.92 12.10
N GLY A 24 2.06 -0.17 11.84
CA GLY A 24 1.26 0.40 12.90
C GLY A 24 1.77 1.75 13.38
N VAL A 25 2.88 2.24 12.81
CA VAL A 25 3.45 3.52 13.22
C VAL A 25 3.39 4.59 12.12
N CYS A 26 3.44 4.16 10.84
CA CYS A 26 3.38 5.09 9.72
C CYS A 26 2.05 5.82 9.71
N THR A 27 2.08 7.06 9.25
CA THR A 27 0.85 7.86 9.15
C THR A 27 -0.22 7.14 8.33
N ASN A 28 0.22 6.26 7.41
CA ASN A 28 -0.70 5.49 6.59
C ASN A 28 -1.32 4.40 7.44
N CYS A 29 -0.47 3.68 8.18
CA CYS A 29 -0.92 2.63 9.08
C CYS A 29 -1.82 3.23 10.15
N LEU A 30 -1.37 4.33 10.74
CA LEU A 30 -2.14 5.04 11.77
C LEU A 30 -3.48 5.53 11.24
N ASP A 31 -3.53 5.89 9.96
CA ASP A 31 -4.75 6.39 9.35
C ASP A 31 -5.83 5.31 9.27
N LYS A 32 -5.41 4.05 9.21
CA LYS A 32 -6.35 2.93 9.16
C LYS A 32 -7.09 2.80 10.49
N PRO A 33 -8.39 2.46 10.46
CA PRO A 33 -9.19 2.30 11.68
C PRO A 33 -8.56 1.32 12.67
N LYS A 34 -8.00 0.22 12.13
CA LYS A 34 -7.35 -0.81 12.94
C LYS A 34 -6.25 -0.25 13.86
N PHE A 35 -5.70 0.92 13.50
CA PHE A 35 -4.63 1.55 14.30
C PHE A 35 -5.13 2.82 14.99
N GLY A 36 -6.45 3.04 15.00
CA GLY A 36 -7.02 4.20 15.66
C GLY A 36 -7.34 5.36 14.72
N GLY A 37 -6.96 5.24 13.44
CA GLY A 37 -7.23 6.30 12.49
C GLY A 37 -8.69 6.40 12.10
N ARG A 38 -9.00 7.41 11.30
CA ARG A 38 -10.37 7.64 10.84
C ARG A 38 -10.56 7.22 9.37
N ASN A 39 -9.52 6.63 8.75
CA ASN A 39 -9.60 6.20 7.36
C ASN A 39 -9.69 7.40 6.40
N ILE A 40 -8.71 8.30 6.53
CA ILE A 40 -8.64 9.50 5.69
C ILE A 40 -7.64 9.32 4.55
N LYS A 41 -6.59 8.54 4.81
CA LYS A 41 -5.55 8.29 3.81
C LYS A 41 -6.00 7.20 2.84
N LYS A 42 -6.66 6.17 3.39
CA LYS A 42 -7.16 5.05 2.61
C LYS A 42 -6.16 4.60 1.54
N GLN A 43 -4.91 4.42 1.95
CA GLN A 43 -3.84 4.00 1.05
C GLN A 43 -2.99 2.92 1.68
N CYS A 44 -2.02 2.40 0.92
CA CYS A 44 -1.16 1.33 1.42
C CYS A 44 -0.09 1.84 2.38
N CYS A 45 0.25 0.98 3.34
CA CYS A 45 1.27 1.28 4.34
C CYS A 45 2.56 1.76 3.66
N LYS A 46 3.23 2.74 4.27
CA LYS A 46 4.49 3.31 3.75
C LYS A 46 5.56 2.22 3.53
N MET A 47 5.57 1.22 4.40
CA MET A 47 6.51 0.10 4.31
C MET A 47 6.02 -0.97 3.33
N ARG A 48 4.74 -0.91 2.95
CA ARG A 48 4.16 -1.90 2.05
C ARG A 48 3.91 -1.37 0.63
N LYS A 49 4.09 -0.06 0.41
CA LYS A 49 3.89 0.53 -0.91
C LYS A 49 4.87 -0.05 -1.93
N CYS A 50 4.31 -0.64 -2.98
CA CYS A 50 5.10 -1.24 -4.05
C CYS A 50 5.97 -0.21 -4.75
N GLN A 51 7.26 -0.53 -4.89
CA GLN A 51 8.23 0.35 -5.55
C GLN A 51 8.36 0.07 -7.05
N ASN A 52 7.69 -0.98 -7.55
CA ASN A 52 7.74 -1.33 -8.97
C ASN A 52 6.38 -1.87 -9.43
N LEU A 53 5.33 -1.06 -9.26
CA LEU A 53 3.98 -1.45 -9.65
C LEU A 53 3.85 -1.69 -11.16
N GLN A 54 2.94 -2.59 -11.53
CA GLN A 54 2.69 -2.91 -12.93
C GLN A 54 1.27 -2.52 -13.31
N TRP A 55 1.14 -1.90 -14.47
CA TRP A 55 -0.16 -1.46 -14.98
C TRP A 55 -0.96 -2.60 -15.59
N MET A 56 -1.52 -3.44 -14.70
CA MET A 56 -2.34 -4.58 -15.09
C MET A 56 -1.60 -5.55 -16.03
N PRO A 57 -2.15 -6.77 -16.20
CA PRO A 57 -1.56 -7.79 -17.06
C PRO A 57 -1.58 -7.38 -18.53
N SER A 58 -0.38 -7.25 -19.12
CA SER A 58 -0.26 -6.84 -20.52
C SER A 58 -0.98 -5.51 -20.76
N LYS A 59 -0.47 -4.46 -20.11
CA LYS A 59 -1.05 -3.12 -20.23
C LYS A 59 -2.45 -3.05 -19.60
N LYS A 3 -10.79 13.76 -8.92
CA LYS A 3 -9.73 13.28 -9.86
C LYS A 3 -9.82 11.77 -10.09
N LYS A 4 -9.64 11.35 -11.34
CA LYS A 4 -9.71 9.93 -11.71
C LYS A 4 -8.47 9.17 -11.24
N GLY A 5 -8.67 7.91 -10.86
CA GLY A 5 -7.57 7.07 -10.39
C GLY A 5 -7.71 5.62 -10.83
N ARG A 6 -6.58 4.96 -11.04
CA ARG A 6 -6.56 3.55 -11.47
C ARG A 6 -5.91 2.65 -10.42
N ARG A 7 -6.09 1.34 -10.58
CA ARG A 7 -5.52 0.36 -9.66
C ARG A 7 -4.10 -0.03 -10.08
N SER A 8 -3.45 -0.87 -9.27
CA SER A 8 -2.07 -1.30 -9.55
C SER A 8 -1.76 -2.64 -8.89
N ARG A 9 -0.79 -3.36 -9.46
CA ARG A 9 -0.41 -4.68 -8.96
C ARG A 9 1.02 -4.72 -8.44
N ARG A 10 1.18 -5.27 -7.25
CA ARG A 10 2.50 -5.40 -6.63
C ARG A 10 3.37 -6.36 -7.44
N CYS A 11 4.64 -5.99 -7.68
CA CYS A 11 5.57 -6.82 -8.45
C CYS A 11 5.82 -8.18 -7.79
N GLY A 12 6.04 -8.19 -6.48
CA GLY A 12 6.29 -9.44 -5.78
C GLY A 12 7.77 -9.68 -5.46
N GLN A 13 8.66 -8.82 -5.99
CA GLN A 13 10.10 -8.99 -5.76
C GLN A 13 10.74 -7.78 -5.07
N CYS A 14 10.03 -6.66 -4.97
CA CYS A 14 10.56 -5.45 -4.33
C CYS A 14 10.56 -5.58 -2.81
N PRO A 15 11.41 -4.80 -2.12
CA PRO A 15 11.52 -4.82 -0.65
C PRO A 15 10.21 -4.45 0.05
N GLY A 16 9.41 -3.59 -0.59
CA GLY A 16 8.12 -3.20 -0.02
C GLY A 16 7.13 -4.34 -0.07
N CYS A 17 7.23 -5.14 -1.13
CA CYS A 17 6.36 -6.31 -1.31
C CYS A 17 6.74 -7.42 -0.34
N GLN A 18 7.97 -7.37 0.19
CA GLN A 18 8.45 -8.37 1.13
C GLN A 18 7.91 -8.12 2.54
N VAL A 19 7.41 -6.90 2.82
CA VAL A 19 6.83 -6.59 4.12
C VAL A 19 5.41 -7.19 4.15
N PRO A 20 5.20 -8.25 4.97
CA PRO A 20 3.92 -8.95 5.03
C PRO A 20 2.86 -8.29 5.92
N GLU A 21 3.24 -7.30 6.71
CA GLU A 21 2.27 -6.64 7.59
C GLU A 21 2.55 -5.16 7.76
N ASP A 22 1.47 -4.41 7.96
CA ASP A 22 1.53 -2.96 8.17
C ASP A 22 2.39 -2.64 9.39
N CYS A 23 3.27 -1.66 9.22
CA CYS A 23 4.17 -1.23 10.30
C CYS A 23 3.38 -0.77 11.52
N GLY A 24 2.26 -0.08 11.25
CA GLY A 24 1.41 0.40 12.33
C GLY A 24 1.78 1.78 12.85
N VAL A 25 2.86 2.38 12.32
CA VAL A 25 3.29 3.70 12.77
C VAL A 25 3.19 4.78 11.70
N CYS A 26 3.16 4.37 10.42
CA CYS A 26 3.06 5.31 9.32
C CYS A 26 1.66 5.92 9.24
N THR A 27 1.59 7.15 8.74
CA THR A 27 0.33 7.88 8.60
C THR A 27 -0.74 7.11 7.82
N ASN A 28 -0.31 6.23 6.91
CA ASN A 28 -1.26 5.45 6.12
C ASN A 28 -1.93 4.38 6.99
N CYS A 29 -1.11 3.71 7.80
CA CYS A 29 -1.59 2.70 8.73
C CYS A 29 -2.44 3.33 9.82
N LEU A 30 -1.93 4.44 10.39
CA LEU A 30 -2.66 5.15 11.44
C LEU A 30 -4.03 5.60 10.97
N ASP A 31 -4.12 5.96 9.68
CA ASP A 31 -5.37 6.42 9.10
C ASP A 31 -6.40 5.29 9.05
N LYS A 32 -5.94 4.04 8.98
CA LYS A 32 -6.82 2.89 8.96
C LYS A 32 -7.54 2.74 10.29
N PRO A 33 -8.80 2.28 10.28
CA PRO A 33 -9.59 2.10 11.51
C PRO A 33 -8.91 1.15 12.50
N LYS A 34 -8.29 0.09 11.97
CA LYS A 34 -7.58 -0.89 12.80
C LYS A 34 -6.51 -0.27 13.69
N PHE A 35 -6.05 0.95 13.33
CA PHE A 35 -5.02 1.65 14.10
C PHE A 35 -5.59 2.87 14.84
N GLY A 36 -6.93 2.98 14.88
CA GLY A 36 -7.56 4.09 15.57
C GLY A 36 -7.87 5.29 14.69
N GLY A 37 -7.51 5.21 13.40
CA GLY A 37 -7.76 6.33 12.51
C GLY A 37 -9.20 6.40 12.02
N ARG A 38 -9.49 7.41 11.21
CA ARG A 38 -10.84 7.60 10.66
C ARG A 38 -10.92 7.12 9.21
N ASN A 39 -9.76 6.91 8.57
CA ASN A 39 -9.69 6.45 7.19
C ASN A 39 -9.90 7.62 6.22
N ILE A 40 -8.99 8.59 6.31
CA ILE A 40 -9.02 9.78 5.45
C ILE A 40 -8.03 9.64 4.29
N LYS A 41 -6.93 8.92 4.53
CA LYS A 41 -5.91 8.71 3.52
C LYS A 41 -6.31 7.56 2.59
N LYS A 42 -6.74 6.45 3.22
CA LYS A 42 -7.19 5.27 2.50
C LYS A 42 -6.12 4.77 1.52
N GLN A 43 -4.92 4.50 2.03
CA GLN A 43 -3.82 4.02 1.20
C GLN A 43 -3.06 2.89 1.86
N CYS A 44 -2.16 2.28 1.10
CA CYS A 44 -1.37 1.14 1.56
C CYS A 44 -0.23 1.58 2.48
N CYS A 45 0.17 0.68 3.38
CA CYS A 45 1.27 0.94 4.32
C CYS A 45 2.51 1.48 3.58
N LYS A 46 3.12 2.52 4.16
CA LYS A 46 4.32 3.14 3.61
C LYS A 46 5.48 2.15 3.50
N MET A 47 5.49 1.17 4.40
CA MET A 47 6.53 0.13 4.42
C MET A 47 6.21 -0.99 3.42
N ARG A 48 4.96 -1.05 2.98
CA ARG A 48 4.53 -2.08 2.03
C ARG A 48 4.33 -1.53 0.61
N LYS A 49 4.66 -0.25 0.39
CA LYS A 49 4.50 0.36 -0.93
C LYS A 49 5.43 -0.29 -1.95
N CYS A 50 4.83 -0.88 -2.97
CA CYS A 50 5.58 -1.55 -4.03
C CYS A 50 6.44 -0.55 -4.82
N GLN A 51 7.70 -0.92 -5.03
CA GLN A 51 8.66 -0.08 -5.76
C GLN A 51 8.62 -0.32 -7.27
N ASN A 52 7.92 -1.38 -7.71
CA ASN A 52 7.79 -1.71 -9.12
C ASN A 52 6.35 -2.12 -9.40
N LEU A 53 5.44 -1.22 -9.07
CA LEU A 53 4.00 -1.44 -9.23
C LEU A 53 3.57 -1.63 -10.68
N GLN A 54 2.62 -2.53 -10.89
CA GLN A 54 2.06 -2.78 -12.21
C GLN A 54 0.65 -2.17 -12.22
N TRP A 55 -0.21 -2.57 -13.16
CA TRP A 55 -1.55 -1.99 -13.23
C TRP A 55 -2.69 -2.99 -13.14
N MET A 56 -2.64 -3.83 -12.09
CA MET A 56 -3.67 -4.84 -11.85
C MET A 56 -3.84 -5.80 -13.03
N PRO A 57 -4.77 -6.79 -12.91
CA PRO A 57 -5.02 -7.78 -13.96
C PRO A 57 -5.04 -7.17 -15.36
N SER A 58 -4.43 -7.88 -16.31
CA SER A 58 -4.35 -7.42 -17.69
C SER A 58 -3.41 -6.22 -17.80
N LYS A 59 -2.14 -6.45 -17.46
CA LYS A 59 -1.10 -5.41 -17.49
C LYS A 59 -1.37 -4.33 -16.45
N LYS A 3 -10.94 7.58 -11.89
CA LYS A 3 -11.27 8.42 -13.06
C LYS A 3 -10.06 8.63 -13.97
N LYS A 4 -8.94 9.03 -13.39
CA LYS A 4 -7.70 9.25 -14.14
C LYS A 4 -6.69 8.14 -13.88
N GLY A 5 -7.18 6.91 -13.69
CA GLY A 5 -6.28 5.79 -13.44
C GLY A 5 -6.93 4.69 -12.60
N ARG A 6 -6.12 4.08 -11.72
CA ARG A 6 -6.54 2.99 -10.84
C ARG A 6 -6.45 1.67 -11.58
N ARG A 7 -5.23 1.13 -11.63
CA ARG A 7 -4.95 -0.13 -12.30
C ARG A 7 -3.48 -0.51 -12.10
N SER A 8 -3.15 -1.09 -10.94
CA SER A 8 -1.77 -1.46 -10.66
C SER A 8 -1.65 -2.74 -9.81
N ARG A 9 -0.61 -3.51 -10.14
CA ARG A 9 -0.33 -4.77 -9.47
C ARG A 9 1.06 -4.75 -8.85
N ARG A 10 1.18 -5.23 -7.61
CA ARG A 10 2.46 -5.29 -6.93
C ARG A 10 3.43 -6.19 -7.69
N CYS A 11 4.68 -5.77 -7.83
CA CYS A 11 5.70 -6.54 -8.56
C CYS A 11 5.96 -7.89 -7.90
N GLY A 12 6.09 -7.90 -6.57
CA GLY A 12 6.36 -9.15 -5.86
C GLY A 12 7.84 -9.37 -5.56
N GLN A 13 8.71 -8.49 -6.05
CA GLN A 13 10.15 -8.64 -5.82
C GLN A 13 10.76 -7.44 -5.07
N CYS A 14 10.04 -6.33 -4.99
CA CYS A 14 10.55 -5.14 -4.29
C CYS A 14 10.48 -5.32 -2.77
N PRO A 15 11.35 -4.61 -2.03
CA PRO A 15 11.40 -4.69 -0.56
C PRO A 15 10.09 -4.30 0.12
N GLY A 16 9.32 -3.40 -0.52
CA GLY A 16 8.04 -2.99 0.03
C GLY A 16 7.01 -4.11 -0.07
N CYS A 17 7.09 -4.88 -1.14
CA CYS A 17 6.20 -6.01 -1.38
C CYS A 17 6.50 -7.17 -0.41
N GLN A 18 7.72 -7.17 0.14
CA GLN A 18 8.14 -8.22 1.07
C GLN A 18 7.55 -8.01 2.45
N VAL A 19 7.07 -6.80 2.76
CA VAL A 19 6.44 -6.54 4.05
C VAL A 19 5.04 -7.14 4.05
N PRO A 20 4.81 -8.20 4.85
CA PRO A 20 3.52 -8.91 4.88
C PRO A 20 2.46 -8.27 5.79
N GLU A 21 2.84 -7.33 6.64
CA GLU A 21 1.87 -6.70 7.54
C GLU A 21 2.17 -5.23 7.79
N ASP A 22 1.10 -4.48 8.03
CA ASP A 22 1.19 -3.04 8.31
C ASP A 22 2.09 -2.80 9.53
N CYS A 23 3.04 -1.88 9.37
CA CYS A 23 3.96 -1.54 10.46
C CYS A 23 3.20 -1.03 11.69
N GLY A 24 2.12 -0.28 11.43
CA GLY A 24 1.30 0.24 12.52
C GLY A 24 1.78 1.57 13.07
N VAL A 25 2.90 2.09 12.59
CA VAL A 25 3.43 3.36 13.08
C VAL A 25 3.46 4.47 12.02
N CYS A 26 3.41 4.09 10.74
CA CYS A 26 3.44 5.05 9.64
C CYS A 26 2.09 5.78 9.53
N THR A 27 2.13 6.98 8.97
CA THR A 27 0.91 7.80 8.80
C THR A 27 -0.17 7.10 7.97
N ASN A 28 0.22 6.20 7.06
CA ASN A 28 -0.75 5.50 6.24
C ASN A 28 -1.55 4.52 7.09
N CYS A 29 -0.83 3.80 7.95
CA CYS A 29 -1.45 2.84 8.86
C CYS A 29 -2.26 3.55 9.93
N LEU A 30 -1.69 4.60 10.53
CA LEU A 30 -2.38 5.38 11.56
C LEU A 30 -3.68 5.98 11.03
N ASP A 31 -3.66 6.40 9.77
CA ASP A 31 -4.85 6.99 9.15
C ASP A 31 -5.95 5.95 8.95
N LYS A 32 -5.55 4.69 8.82
CA LYS A 32 -6.52 3.59 8.66
C LYS A 32 -7.26 3.37 9.97
N PRO A 33 -8.52 2.92 9.90
CA PRO A 33 -9.35 2.67 11.09
C PRO A 33 -8.74 1.65 12.06
N LYS A 34 -8.17 0.57 11.51
CA LYS A 34 -7.55 -0.49 12.31
C LYS A 34 -6.49 0.02 13.30
N PHE A 35 -5.90 1.18 13.01
CA PHE A 35 -4.86 1.76 13.86
C PHE A 35 -5.35 3.00 14.61
N GLY A 36 -6.68 3.19 14.65
CA GLY A 36 -7.24 4.33 15.35
C GLY A 36 -7.57 5.51 14.45
N GLY A 37 -7.20 5.43 13.17
CA GLY A 37 -7.48 6.52 12.25
C GLY A 37 -8.94 6.61 11.87
N ARG A 38 -9.26 7.62 11.08
CA ARG A 38 -10.63 7.84 10.63
C ARG A 38 -10.80 7.46 9.16
N ASN A 39 -9.81 6.76 8.59
CA ASN A 39 -9.86 6.35 7.18
C ASN A 39 -9.78 7.57 6.28
N ILE A 40 -8.73 8.37 6.48
CA ILE A 40 -8.49 9.59 5.72
C ILE A 40 -7.49 9.33 4.59
N LYS A 41 -6.51 8.45 4.83
CA LYS A 41 -5.50 8.13 3.83
C LYS A 41 -6.05 7.09 2.87
N LYS A 42 -6.68 6.05 3.44
CA LYS A 42 -7.26 4.96 2.67
C LYS A 42 -6.29 4.41 1.64
N GLN A 43 -5.07 4.10 2.07
CA GLN A 43 -4.05 3.58 1.17
C GLN A 43 -3.21 2.49 1.82
N CYS A 44 -2.25 1.95 1.07
CA CYS A 44 -1.39 0.88 1.57
C CYS A 44 -0.34 1.40 2.55
N CYS A 45 0.03 0.52 3.48
CA CYS A 45 1.04 0.83 4.50
C CYS A 45 2.31 1.42 3.87
N LYS A 46 2.88 2.43 4.54
CA LYS A 46 4.11 3.11 4.12
C LYS A 46 5.26 2.12 3.91
N MET A 47 5.33 1.12 4.80
CA MET A 47 6.36 0.08 4.73
C MET A 47 5.99 -1.02 3.73
N ARG A 48 4.71 -1.04 3.32
CA ARG A 48 4.23 -2.05 2.39
C ARG A 48 3.98 -1.47 0.99
N LYS A 49 4.23 -0.16 0.81
CA LYS A 49 4.03 0.48 -0.49
C LYS A 49 4.96 -0.11 -1.54
N CYS A 50 4.36 -0.62 -2.61
CA CYS A 50 5.11 -1.21 -3.70
C CYS A 50 6.04 -0.19 -4.35
N GLN A 51 7.33 -0.53 -4.41
CA GLN A 51 8.34 0.35 -4.99
C GLN A 51 8.48 0.12 -6.51
N ASN A 52 7.75 -0.85 -7.05
CA ASN A 52 7.79 -1.17 -8.47
C ASN A 52 6.41 -1.65 -8.95
N LEU A 53 5.40 -0.80 -8.77
CA LEU A 53 4.03 -1.13 -9.17
C LEU A 53 3.94 -1.36 -10.68
N GLN A 54 3.06 -2.28 -11.08
CA GLN A 54 2.87 -2.61 -12.48
C GLN A 54 1.48 -2.20 -12.97
N TRP A 55 1.43 -1.57 -14.13
CA TRP A 55 0.17 -1.13 -14.72
C TRP A 55 -0.55 -2.29 -15.41
N MET A 56 -1.15 -3.16 -14.59
CA MET A 56 -1.89 -4.32 -15.09
C MET A 56 -0.99 -5.22 -15.96
N PRO A 57 -1.56 -6.32 -16.51
CA PRO A 57 -0.80 -7.25 -17.36
C PRO A 57 -0.27 -6.62 -18.66
N SER A 58 -0.63 -5.35 -18.91
CA SER A 58 -0.20 -4.66 -20.12
C SER A 58 -0.21 -3.14 -19.92
N LYS A 59 -1.36 -2.60 -19.53
CA LYS A 59 -1.50 -1.16 -19.30
C LYS A 59 -2.57 -0.85 -18.26
N LYS A 3 -6.05 6.16 -22.01
CA LYS A 3 -4.86 6.81 -21.38
C LYS A 3 -4.11 5.85 -20.46
N LYS A 4 -4.83 5.26 -19.49
CA LYS A 4 -4.22 4.32 -18.55
C LYS A 4 -5.23 3.29 -18.06
N GLY A 5 -4.74 2.10 -17.71
CA GLY A 5 -5.61 1.03 -17.22
C GLY A 5 -6.21 1.34 -15.85
N ARG A 6 -5.56 2.25 -15.11
CA ARG A 6 -6.01 2.67 -13.78
C ARG A 6 -5.53 1.70 -12.70
N ARG A 7 -5.23 2.23 -11.51
CA ARG A 7 -4.76 1.40 -10.40
C ARG A 7 -3.43 0.71 -10.75
N SER A 8 -3.14 -0.42 -10.11
CA SER A 8 -1.91 -1.16 -10.36
C SER A 8 -1.82 -2.43 -9.54
N ARG A 9 -0.86 -3.27 -9.94
CA ARG A 9 -0.61 -4.55 -9.29
C ARG A 9 0.78 -4.61 -8.68
N ARG A 10 0.88 -5.10 -7.45
CA ARG A 10 2.16 -5.21 -6.76
C ARG A 10 3.09 -6.16 -7.53
N CYS A 11 4.36 -5.75 -7.69
CA CYS A 11 5.35 -6.55 -8.41
C CYS A 11 5.60 -7.89 -7.73
N GLY A 12 5.71 -7.90 -6.41
CA GLY A 12 5.95 -9.14 -5.67
C GLY A 12 7.43 -9.38 -5.37
N GLN A 13 8.31 -8.52 -5.88
CA GLN A 13 9.76 -8.69 -5.66
C GLN A 13 10.40 -7.49 -4.94
N CYS A 14 9.67 -6.36 -4.85
CA CYS A 14 10.21 -5.17 -4.20
C CYS A 14 10.19 -5.33 -2.67
N PRO A 15 11.12 -4.63 -1.96
CA PRO A 15 11.22 -4.71 -0.50
C PRO A 15 9.93 -4.33 0.22
N GLY A 16 9.13 -3.45 -0.40
CA GLY A 16 7.86 -3.04 0.18
C GLY A 16 6.84 -4.16 0.12
N CYS A 17 6.90 -4.94 -0.97
CA CYS A 17 6.00 -6.08 -1.17
C CYS A 17 6.34 -7.22 -0.20
N GLN A 18 7.57 -7.22 0.32
CA GLN A 18 8.02 -8.25 1.25
C GLN A 18 7.49 -8.01 2.66
N VAL A 19 7.02 -6.79 2.96
CA VAL A 19 6.45 -6.49 4.27
C VAL A 19 5.04 -7.10 4.32
N PRO A 20 4.84 -8.17 5.14
CA PRO A 20 3.57 -8.90 5.22
C PRO A 20 2.53 -8.32 6.18
N GLU A 21 2.91 -7.35 7.03
CA GLU A 21 1.96 -6.79 7.98
C GLU A 21 2.21 -5.31 8.24
N ASP A 22 1.12 -4.57 8.48
CA ASP A 22 1.19 -3.15 8.79
C ASP A 22 2.04 -2.90 10.02
N CYS A 23 2.99 -2.00 9.89
CA CYS A 23 3.90 -1.64 10.99
C CYS A 23 3.13 -1.12 12.20
N GLY A 24 2.07 -0.35 11.92
CA GLY A 24 1.24 0.22 12.97
C GLY A 24 1.74 1.57 13.47
N VAL A 25 2.82 2.09 12.85
CA VAL A 25 3.37 3.37 13.28
C VAL A 25 3.35 4.43 12.17
N CYS A 26 3.52 4.00 10.91
CA CYS A 26 3.51 4.92 9.77
C CYS A 26 2.19 5.61 9.64
N THR A 27 2.27 6.79 9.06
CA THR A 27 1.13 7.63 8.84
C THR A 27 0.01 6.95 8.10
N ASN A 28 0.35 6.08 7.16
CA ASN A 28 -0.69 5.39 6.42
C ASN A 28 -1.29 4.30 7.29
N CYS A 29 -0.42 3.62 8.05
CA CYS A 29 -0.85 2.58 8.98
C CYS A 29 -1.81 3.20 10.01
N LEU A 30 -1.38 4.32 10.59
CA LEU A 30 -2.19 5.04 11.59
C LEU A 30 -3.50 5.54 11.01
N ASP A 31 -3.50 5.88 9.71
CA ASP A 31 -4.71 6.38 9.06
C ASP A 31 -5.78 5.30 8.94
N LYS A 32 -5.36 4.03 8.88
CA LYS A 32 -6.30 2.92 8.79
C LYS A 32 -7.06 2.77 10.11
N PRO A 33 -8.35 2.39 10.04
CA PRO A 33 -9.19 2.23 11.23
C PRO A 33 -8.59 1.23 12.23
N LYS A 34 -8.03 0.13 11.71
CA LYS A 34 -7.42 -0.91 12.55
C LYS A 34 -6.34 -0.36 13.49
N PHE A 35 -5.78 0.81 13.17
CA PHE A 35 -4.74 1.42 13.98
C PHE A 35 -5.24 2.69 14.70
N GLY A 36 -6.56 2.87 14.74
CA GLY A 36 -7.14 4.02 15.42
C GLY A 36 -7.44 5.20 14.50
N GLY A 37 -7.05 5.11 13.22
CA GLY A 37 -7.30 6.20 12.31
C GLY A 37 -8.75 6.31 11.88
N ARG A 38 -9.03 7.32 11.07
CA ARG A 38 -10.39 7.55 10.57
C ARG A 38 -10.54 7.10 9.12
N ASN A 39 -9.42 6.83 8.44
CA ASN A 39 -9.44 6.40 7.04
C ASN A 39 -9.67 7.58 6.11
N ILE A 40 -8.77 8.57 6.21
CA ILE A 40 -8.85 9.78 5.39
C ILE A 40 -7.91 9.66 4.17
N LYS A 41 -6.80 8.92 4.34
CA LYS A 41 -5.83 8.73 3.28
C LYS A 41 -6.26 7.59 2.37
N LYS A 42 -6.71 6.50 2.99
CA LYS A 42 -7.16 5.31 2.27
C LYS A 42 -6.06 4.77 1.35
N GLN A 43 -4.88 4.54 1.90
CA GLN A 43 -3.76 4.05 1.10
C GLN A 43 -3.01 2.93 1.83
N CYS A 44 -2.07 2.31 1.11
CA CYS A 44 -1.27 1.22 1.66
C CYS A 44 -0.17 1.72 2.60
N CYS A 45 0.20 0.87 3.54
CA CYS A 45 1.27 1.18 4.50
C CYS A 45 2.52 1.68 3.79
N LYS A 46 3.19 2.67 4.39
CA LYS A 46 4.42 3.27 3.83
C LYS A 46 5.51 2.21 3.61
N MET A 47 5.53 1.20 4.50
CA MET A 47 6.50 0.10 4.42
C MET A 47 6.03 -0.98 3.45
N ARG A 48 4.74 -0.96 3.09
CA ARG A 48 4.17 -1.95 2.19
C ARG A 48 3.89 -1.39 0.79
N LYS A 49 4.07 -0.08 0.59
CA LYS A 49 3.84 0.54 -0.71
C LYS A 49 4.84 0.00 -1.74
N CYS A 50 4.29 -0.62 -2.79
CA CYS A 50 5.10 -1.19 -3.86
C CYS A 50 5.96 -0.12 -4.54
N GLN A 51 7.26 -0.40 -4.66
CA GLN A 51 8.21 0.52 -5.29
C GLN A 51 8.34 0.27 -6.79
N ASN A 52 7.65 -0.77 -7.28
CA ASN A 52 7.67 -1.12 -8.70
C ASN A 52 6.29 -1.62 -9.12
N LEU A 53 5.28 -0.78 -8.91
CA LEU A 53 3.90 -1.12 -9.26
C LEU A 53 3.75 -1.38 -10.76
N GLN A 54 2.87 -2.33 -11.08
CA GLN A 54 2.62 -2.69 -12.47
C GLN A 54 1.19 -2.36 -12.87
N TRP A 55 1.04 -1.71 -14.01
CA TRP A 55 -0.28 -1.35 -14.52
C TRP A 55 -0.90 -2.53 -15.26
N MET A 56 -1.68 -3.33 -14.52
CA MET A 56 -2.35 -4.51 -15.07
C MET A 56 -1.35 -5.58 -15.48
N PRO A 57 -1.83 -6.82 -15.70
CA PRO A 57 -0.98 -7.96 -16.10
C PRO A 57 0.04 -7.59 -17.17
N SER A 58 1.32 -7.82 -16.86
CA SER A 58 2.43 -7.51 -17.76
C SER A 58 2.67 -6.00 -17.83
N LYS A 59 3.81 -5.57 -17.30
CA LYS A 59 4.19 -4.14 -17.28
C LYS A 59 3.37 -3.36 -16.25
N LYS A 3 -9.52 4.24 -21.50
CA LYS A 3 -8.99 4.27 -20.10
C LYS A 3 -9.97 3.64 -19.12
N LYS A 4 -9.52 2.57 -18.46
CA LYS A 4 -10.35 1.87 -17.48
C LYS A 4 -10.43 2.64 -16.15
N GLY A 5 -9.31 3.23 -15.75
CA GLY A 5 -9.27 3.99 -14.51
C GLY A 5 -8.09 3.59 -13.64
N ARG A 6 -6.93 4.17 -13.95
CA ARG A 6 -5.66 3.94 -13.23
C ARG A 6 -5.78 3.03 -12.01
N ARG A 7 -5.29 1.79 -12.19
CA ARG A 7 -5.27 0.78 -11.15
C ARG A 7 -3.92 0.07 -11.16
N SER A 8 -3.52 -0.56 -10.05
CA SER A 8 -2.22 -1.21 -10.01
C SER A 8 -2.19 -2.47 -9.13
N ARG A 9 -1.20 -3.30 -9.46
CA ARG A 9 -0.98 -4.57 -8.78
C ARG A 9 0.43 -4.66 -8.20
N ARG A 10 0.55 -5.24 -7.02
CA ARG A 10 1.85 -5.39 -6.36
C ARG A 10 2.76 -6.33 -7.18
N CYS A 11 4.00 -5.90 -7.43
CA CYS A 11 4.95 -6.69 -8.21
C CYS A 11 5.31 -8.01 -7.54
N GLY A 12 5.57 -7.99 -6.23
CA GLY A 12 5.92 -9.21 -5.51
C GLY A 12 7.42 -9.38 -5.31
N GLN A 13 8.23 -8.48 -5.88
CA GLN A 13 9.69 -8.57 -5.74
C GLN A 13 10.30 -7.33 -5.06
N CYS A 14 9.55 -6.23 -4.99
CA CYS A 14 10.05 -5.00 -4.36
C CYS A 14 10.10 -5.15 -2.83
N PRO A 15 10.96 -4.35 -2.16
CA PRO A 15 11.10 -4.40 -0.70
C PRO A 15 9.80 -4.10 0.04
N GLY A 16 8.93 -3.28 -0.57
CA GLY A 16 7.65 -2.97 0.04
C GLY A 16 6.72 -4.17 0.03
N CYS A 17 6.76 -4.93 -1.07
CA CYS A 17 5.95 -6.13 -1.22
C CYS A 17 6.46 -7.26 -0.33
N GLN A 18 7.75 -7.17 0.07
CA GLN A 18 8.37 -8.17 0.93
C GLN A 18 7.97 -7.96 2.38
N VAL A 19 7.47 -6.78 2.73
CA VAL A 19 7.02 -6.52 4.09
C VAL A 19 5.67 -7.21 4.28
N PRO A 20 5.62 -8.26 5.11
CA PRO A 20 4.39 -9.05 5.32
C PRO A 20 3.34 -8.37 6.19
N GLU A 21 3.72 -7.36 6.96
CA GLU A 21 2.76 -6.70 7.83
C GLU A 21 3.00 -5.20 7.96
N ASP A 22 1.90 -4.47 8.12
CA ASP A 22 1.94 -3.02 8.31
C ASP A 22 2.77 -2.65 9.52
N CYS A 23 3.62 -1.64 9.36
CA CYS A 23 4.49 -1.17 10.44
C CYS A 23 3.68 -0.74 11.66
N GLY A 24 2.53 -0.09 11.40
CA GLY A 24 1.66 0.37 12.46
C GLY A 24 2.00 1.74 13.00
N VAL A 25 3.06 2.37 12.50
CA VAL A 25 3.46 3.69 12.97
C VAL A 25 3.38 4.78 11.89
N CYS A 26 3.31 4.37 10.61
CA CYS A 26 3.23 5.32 9.51
C CYS A 26 1.84 5.94 9.41
N THR A 27 1.79 7.14 8.87
CA THR A 27 0.52 7.89 8.70
C THR A 27 -0.55 7.10 7.93
N ASN A 28 -0.13 6.20 7.03
CA ASN A 28 -1.08 5.42 6.26
C ASN A 28 -1.73 4.37 7.14
N CYS A 29 -0.93 3.73 7.98
CA CYS A 29 -1.41 2.72 8.91
C CYS A 29 -2.28 3.37 9.97
N LEU A 30 -1.82 4.49 10.53
CA LEU A 30 -2.58 5.22 11.54
C LEU A 30 -3.93 5.68 10.99
N ASP A 31 -3.95 6.02 9.69
CA ASP A 31 -5.19 6.48 9.06
C ASP A 31 -6.19 5.33 8.93
N LYS A 32 -5.70 4.10 8.84
CA LYS A 32 -6.56 2.93 8.76
C LYS A 32 -7.30 2.73 10.08
N PRO A 33 -8.54 2.20 10.02
CA PRO A 33 -9.35 1.97 11.23
C PRO A 33 -8.67 1.04 12.23
N LYS A 34 -7.96 0.02 11.73
CA LYS A 34 -7.27 -0.95 12.58
C LYS A 34 -6.26 -0.29 13.52
N PHE A 35 -5.83 0.93 13.20
CA PHE A 35 -4.85 1.65 14.02
C PHE A 35 -5.47 2.86 14.73
N GLY A 36 -6.81 2.92 14.75
CA GLY A 36 -7.50 4.01 15.42
C GLY A 36 -7.85 5.18 14.51
N GLY A 37 -7.46 5.11 13.23
CA GLY A 37 -7.76 6.19 12.31
C GLY A 37 -9.19 6.21 11.85
N ARG A 38 -9.54 7.21 11.04
CA ARG A 38 -10.89 7.36 10.52
C ARG A 38 -10.97 6.88 9.06
N ASN A 39 -9.82 6.66 8.42
CA ASN A 39 -9.77 6.20 7.03
C ASN A 39 -9.95 7.37 6.07
N ILE A 40 -9.03 8.34 6.18
CA ILE A 40 -9.03 9.52 5.33
C ILE A 40 -8.02 9.36 4.18
N LYS A 41 -6.96 8.59 4.45
CA LYS A 41 -5.92 8.34 3.45
C LYS A 41 -6.35 7.23 2.51
N LYS A 42 -6.91 6.16 3.10
CA LYS A 42 -7.38 5.01 2.34
C LYS A 42 -6.30 4.48 1.40
N GLN A 43 -5.13 4.16 1.94
CA GLN A 43 -4.03 3.65 1.13
C GLN A 43 -3.24 2.57 1.85
N CYS A 44 -2.26 1.99 1.16
CA CYS A 44 -1.43 0.92 1.71
C CYS A 44 -0.35 1.45 2.65
N CYS A 45 0.06 0.60 3.57
CA CYS A 45 1.12 0.93 4.54
C CYS A 45 2.35 1.50 3.84
N LYS A 46 2.93 2.56 4.43
CA LYS A 46 4.13 3.23 3.91
C LYS A 46 5.29 2.25 3.77
N MET A 47 5.35 1.27 4.68
CA MET A 47 6.39 0.24 4.69
C MET A 47 6.05 -0.88 3.70
N ARG A 48 4.77 -0.96 3.31
CA ARG A 48 4.31 -1.99 2.38
C ARG A 48 4.03 -1.43 0.98
N LYS A 49 4.31 -0.14 0.76
CA LYS A 49 4.09 0.50 -0.54
C LYS A 49 4.96 -0.14 -1.63
N CYS A 50 4.31 -0.67 -2.65
CA CYS A 50 5.00 -1.29 -3.77
C CYS A 50 5.81 -0.24 -4.55
N GLN A 51 7.09 -0.53 -4.75
CA GLN A 51 8.00 0.36 -5.47
C GLN A 51 8.00 0.11 -6.98
N ASN A 52 7.33 -0.95 -7.42
CA ASN A 52 7.26 -1.28 -8.84
C ASN A 52 5.87 -1.81 -9.21
N LEU A 53 4.86 -0.99 -8.94
CA LEU A 53 3.46 -1.35 -9.23
C LEU A 53 3.21 -1.55 -10.71
N GLN A 54 2.29 -2.48 -11.03
CA GLN A 54 1.97 -2.78 -12.41
C GLN A 54 0.48 -2.53 -12.71
N TRP A 55 0.22 -1.95 -13.87
CA TRP A 55 -1.15 -1.68 -14.31
C TRP A 55 -1.73 -2.90 -15.00
N MET A 56 -2.33 -3.79 -14.19
CA MET A 56 -2.93 -5.03 -14.69
C MET A 56 -1.90 -5.88 -15.44
N PRO A 57 -1.03 -6.58 -14.69
CA PRO A 57 0.02 -7.45 -15.27
C PRO A 57 -0.55 -8.49 -16.22
N SER A 58 0.07 -8.60 -17.40
CA SER A 58 -0.35 -9.55 -18.43
C SER A 58 -1.67 -9.13 -19.09
N LYS A 59 -1.75 -9.30 -20.41
CA LYS A 59 -2.94 -8.93 -21.16
C LYS A 59 -3.09 -9.79 -22.41
N LYS A 3 -5.58 12.45 -15.51
CA LYS A 3 -6.35 12.39 -14.24
C LYS A 3 -7.14 11.08 -14.11
N LYS A 4 -7.24 10.59 -12.88
CA LYS A 4 -7.96 9.35 -12.58
C LYS A 4 -7.22 8.12 -13.11
N GLY A 5 -7.18 7.07 -12.28
CA GLY A 5 -6.51 5.84 -12.66
C GLY A 5 -6.96 4.66 -11.82
N ARG A 6 -6.03 4.12 -11.02
CA ARG A 6 -6.30 2.97 -10.15
C ARG A 6 -6.41 1.69 -10.97
N ARG A 7 -5.26 1.05 -11.20
CA ARG A 7 -5.18 -0.19 -11.96
C ARG A 7 -3.75 -0.73 -11.99
N SER A 8 -3.11 -0.77 -10.82
CA SER A 8 -1.74 -1.25 -10.72
C SER A 8 -1.62 -2.52 -9.89
N ARG A 9 -0.62 -3.32 -10.23
CA ARG A 9 -0.40 -4.60 -9.56
C ARG A 9 0.97 -4.66 -8.89
N ARG A 10 1.00 -5.15 -7.65
CA ARG A 10 2.26 -5.29 -6.91
C ARG A 10 3.19 -6.26 -7.65
N CYS A 11 4.46 -5.88 -7.81
CA CYS A 11 5.44 -6.71 -8.52
C CYS A 11 5.64 -8.06 -7.82
N GLY A 12 5.75 -8.05 -6.49
CA GLY A 12 5.95 -9.29 -5.75
C GLY A 12 7.40 -9.56 -5.39
N GLN A 13 8.34 -8.74 -5.91
CA GLN A 13 9.76 -8.94 -5.63
C GLN A 13 10.42 -7.73 -4.94
N CYS A 14 9.71 -6.60 -4.88
CA CYS A 14 10.27 -5.39 -4.26
C CYS A 14 10.17 -5.47 -2.73
N PRO A 15 11.02 -4.69 -2.02
CA PRO A 15 11.04 -4.68 -0.55
C PRO A 15 9.70 -4.30 0.08
N GLY A 16 8.94 -3.45 -0.62
CA GLY A 16 7.63 -3.06 -0.12
C GLY A 16 6.65 -4.22 -0.15
N CYS A 17 6.69 -4.99 -1.23
CA CYS A 17 5.84 -6.16 -1.41
C CYS A 17 6.27 -7.30 -0.48
N GLN A 18 7.52 -7.26 -0.03
CA GLN A 18 8.06 -8.28 0.86
C GLN A 18 7.67 -8.04 2.32
N VAL A 19 7.19 -6.84 2.65
CA VAL A 19 6.75 -6.56 4.01
C VAL A 19 5.40 -7.26 4.22
N PRO A 20 5.37 -8.29 5.09
CA PRO A 20 4.15 -9.09 5.32
C PRO A 20 3.10 -8.42 6.20
N GLU A 21 3.50 -7.44 7.02
CA GLU A 21 2.54 -6.77 7.90
C GLU A 21 2.83 -5.28 8.07
N ASP A 22 1.75 -4.52 8.24
CA ASP A 22 1.84 -3.08 8.43
C ASP A 22 2.69 -2.75 9.66
N CYS A 23 3.59 -1.79 9.50
CA CYS A 23 4.49 -1.37 10.58
C CYS A 23 3.70 -0.92 11.81
N GLY A 24 2.55 -0.27 11.57
CA GLY A 24 1.71 0.21 12.64
C GLY A 24 2.08 1.58 13.18
N VAL A 25 3.18 2.16 12.71
CA VAL A 25 3.61 3.48 13.19
C VAL A 25 3.58 4.56 12.10
N CYS A 26 3.52 4.14 10.83
CA CYS A 26 3.46 5.08 9.71
C CYS A 26 2.07 5.70 9.58
N THR A 27 2.05 6.92 9.06
CA THR A 27 0.79 7.67 8.87
C THR A 27 -0.26 6.89 8.06
N ASN A 28 0.17 6.00 7.17
CA ASN A 28 -0.77 5.24 6.36
C ASN A 28 -1.48 4.20 7.22
N CYS A 29 -0.71 3.53 8.08
CA CYS A 29 -1.25 2.54 8.99
C CYS A 29 -2.14 3.21 10.03
N LEU A 30 -1.66 4.33 10.59
CA LEU A 30 -2.43 5.07 11.59
C LEU A 30 -3.75 5.57 11.01
N ASP A 31 -3.75 5.90 9.71
CA ASP A 31 -4.95 6.39 9.04
C ASP A 31 -6.02 5.29 8.95
N LYS A 32 -5.58 4.03 8.87
CA LYS A 32 -6.50 2.90 8.79
C LYS A 32 -7.25 2.74 10.12
N PRO A 33 -8.52 2.32 10.07
CA PRO A 33 -9.35 2.13 11.26
C PRO A 33 -8.72 1.17 12.28
N LYS A 34 -8.08 0.11 11.78
CA LYS A 34 -7.44 -0.90 12.63
C LYS A 34 -6.40 -0.29 13.58
N PHE A 35 -5.88 0.90 13.24
CA PHE A 35 -4.88 1.58 14.08
C PHE A 35 -5.46 2.82 14.77
N GLY A 36 -6.80 2.93 14.77
CA GLY A 36 -7.44 4.07 15.42
C GLY A 36 -7.74 5.23 14.49
N GLY A 37 -7.31 5.14 13.22
CA GLY A 37 -7.56 6.21 12.28
C GLY A 37 -9.00 6.31 11.85
N ARG A 38 -9.29 7.33 11.04
CA ARG A 38 -10.65 7.57 10.53
C ARG A 38 -10.79 7.12 9.07
N ASN A 39 -9.67 6.76 8.42
CA ASN A 39 -9.68 6.33 7.03
C ASN A 39 -9.91 7.52 6.09
N ILE A 40 -9.04 8.52 6.23
CA ILE A 40 -9.10 9.73 5.42
C ILE A 40 -8.07 9.67 4.29
N LYS A 41 -6.93 9.04 4.56
CA LYS A 41 -5.87 8.89 3.56
C LYS A 41 -6.19 7.73 2.64
N LYS A 42 -6.77 6.67 3.21
CA LYS A 42 -7.17 5.47 2.47
C LYS A 42 -6.06 4.97 1.55
N GLN A 43 -4.89 4.71 2.11
CA GLN A 43 -3.76 4.23 1.32
C GLN A 43 -3.05 3.07 2.01
N CYS A 44 -2.17 2.41 1.28
CA CYS A 44 -1.43 1.25 1.79
C CYS A 44 -0.30 1.68 2.72
N CYS A 45 0.05 0.78 3.64
CA CYS A 45 1.14 1.03 4.60
C CYS A 45 2.39 1.54 3.88
N LYS A 46 3.00 2.59 4.45
CA LYS A 46 4.22 3.21 3.91
C LYS A 46 5.34 2.18 3.70
N MET A 47 5.40 1.18 4.57
CA MET A 47 6.40 0.11 4.49
C MET A 47 5.98 -0.98 3.51
N ARG A 48 4.69 -0.99 3.13
CA ARG A 48 4.18 -2.01 2.21
C ARG A 48 3.90 -1.47 0.80
N LYS A 49 4.07 -0.16 0.58
CA LYS A 49 3.85 0.43 -0.73
C LYS A 49 4.85 -0.11 -1.75
N CYS A 50 4.30 -0.72 -2.81
CA CYS A 50 5.12 -1.29 -3.88
C CYS A 50 5.98 -0.22 -4.55
N GLN A 51 7.29 -0.47 -4.59
CA GLN A 51 8.25 0.46 -5.21
C GLN A 51 8.49 0.13 -6.69
N ASN A 52 7.81 -0.90 -7.20
CA ASN A 52 7.94 -1.31 -8.59
C ASN A 52 6.59 -1.83 -9.09
N LEU A 53 5.57 -0.99 -8.95
CA LEU A 53 4.20 -1.33 -9.34
C LEU A 53 4.07 -1.64 -10.83
N GLN A 54 3.25 -2.65 -11.11
CA GLN A 54 2.96 -3.07 -12.47
C GLN A 54 1.52 -2.67 -12.76
N TRP A 55 0.83 -3.37 -13.67
CA TRP A 55 -0.56 -3.02 -13.97
C TRP A 55 -1.51 -4.21 -13.92
N MET A 56 -2.78 -3.96 -14.25
CA MET A 56 -3.80 -5.01 -14.22
C MET A 56 -3.73 -5.87 -15.49
N PRO A 57 -4.51 -6.98 -15.52
CA PRO A 57 -4.54 -7.88 -16.69
C PRO A 57 -4.86 -7.15 -18.00
N SER A 58 -5.46 -5.97 -17.89
CA SER A 58 -5.81 -5.15 -19.05
C SER A 58 -5.90 -3.68 -18.66
N LYS A 59 -4.76 -3.00 -18.64
CA LYS A 59 -4.69 -1.59 -18.28
C LYS A 59 -5.02 -1.38 -16.79
N LYS A 3 -5.86 1.66 -18.63
CA LYS A 3 -6.35 2.32 -17.38
C LYS A 3 -5.46 3.49 -16.97
N LYS A 4 -6.07 4.50 -16.35
CA LYS A 4 -5.35 5.69 -15.91
C LYS A 4 -5.57 5.96 -14.42
N GLY A 5 -6.81 5.78 -13.97
CA GLY A 5 -7.13 6.02 -12.56
C GLY A 5 -7.50 4.74 -11.82
N ARG A 6 -6.61 4.32 -10.92
CA ARG A 6 -6.81 3.10 -10.11
C ARG A 6 -6.45 1.84 -10.91
N ARG A 7 -6.35 0.71 -10.19
CA ARG A 7 -6.00 -0.57 -10.81
C ARG A 7 -4.48 -0.68 -11.01
N SER A 8 -3.83 -1.49 -10.18
CA SER A 8 -2.38 -1.69 -10.26
C SER A 8 -1.94 -2.93 -9.49
N ARG A 9 -0.85 -3.55 -9.97
CA ARG A 9 -0.33 -4.77 -9.35
C ARG A 9 1.11 -4.59 -8.90
N ARG A 10 1.40 -4.98 -7.65
CA ARG A 10 2.75 -4.88 -7.12
C ARG A 10 3.68 -5.86 -7.83
N CYS A 11 4.96 -5.50 -7.94
CA CYS A 11 5.96 -6.32 -8.61
C CYS A 11 6.12 -7.70 -7.94
N GLY A 12 6.22 -7.71 -6.61
CA GLY A 12 6.39 -8.95 -5.89
C GLY A 12 7.84 -9.24 -5.49
N GLN A 13 8.77 -8.40 -5.95
CA GLN A 13 10.20 -8.59 -5.63
C GLN A 13 10.82 -7.39 -4.91
N CYS A 14 10.11 -6.27 -4.84
CA CYS A 14 10.64 -5.07 -4.17
C CYS A 14 10.60 -5.23 -2.65
N PRO A 15 11.47 -4.49 -1.92
CA PRO A 15 11.54 -4.56 -0.45
C PRO A 15 10.21 -4.19 0.22
N GLY A 16 9.44 -3.32 -0.41
CA GLY A 16 8.14 -2.94 0.14
C GLY A 16 7.13 -4.07 0.02
N CYS A 17 7.25 -4.86 -1.05
CA CYS A 17 6.38 -6.01 -1.30
C CYS A 17 6.66 -7.15 -0.31
N GLN A 18 7.86 -7.13 0.29
CA GLN A 18 8.27 -8.15 1.23
C GLN A 18 7.66 -7.93 2.62
N VAL A 19 7.14 -6.72 2.90
CA VAL A 19 6.51 -6.46 4.19
C VAL A 19 5.10 -7.08 4.16
N PRO A 20 4.87 -8.14 4.97
CA PRO A 20 3.59 -8.84 5.00
C PRO A 20 2.52 -8.21 5.91
N GLU A 21 2.90 -7.23 6.74
CA GLU A 21 1.93 -6.61 7.64
C GLU A 21 2.24 -5.14 7.88
N ASP A 22 1.17 -4.37 8.13
CA ASP A 22 1.27 -2.95 8.41
C ASP A 22 2.18 -2.70 9.62
N CYS A 23 3.13 -1.79 9.45
CA CYS A 23 4.08 -1.45 10.53
C CYS A 23 3.33 -0.98 11.79
N GLY A 24 2.19 -0.32 11.58
CA GLY A 24 1.39 0.16 12.69
C GLY A 24 1.82 1.50 13.26
N VAL A 25 2.96 2.04 12.80
CA VAL A 25 3.45 3.31 13.32
C VAL A 25 3.44 4.42 12.26
N CYS A 26 3.37 4.07 10.98
CA CYS A 26 3.36 5.05 9.91
C CYS A 26 2.00 5.75 9.84
N THR A 27 2.00 6.99 9.36
CA THR A 27 0.78 7.79 9.24
C THR A 27 -0.30 7.09 8.42
N ASN A 28 0.10 6.18 7.52
CA ASN A 28 -0.86 5.45 6.69
C ASN A 28 -1.61 4.43 7.53
N CYS A 29 -0.87 3.70 8.35
CA CYS A 29 -1.44 2.70 9.24
C CYS A 29 -2.30 3.38 10.30
N LEU A 30 -1.77 4.44 10.90
CA LEU A 30 -2.51 5.19 11.92
C LEU A 30 -3.81 5.73 11.34
N ASP A 31 -3.79 6.09 10.05
CA ASP A 31 -4.97 6.62 9.38
C ASP A 31 -6.04 5.52 9.21
N LYS A 32 -5.60 4.26 9.12
CA LYS A 32 -6.52 3.14 8.98
C LYS A 32 -7.32 2.94 10.25
N PRO A 33 -8.58 2.47 10.13
CA PRO A 33 -9.46 2.24 11.29
C PRO A 33 -8.86 1.26 12.30
N LYS A 34 -8.22 0.20 11.81
CA LYS A 34 -7.62 -0.82 12.67
C LYS A 34 -6.57 -0.23 13.64
N PHE A 35 -6.06 0.97 13.33
CA PHE A 35 -5.06 1.63 14.18
C PHE A 35 -5.64 2.87 14.87
N GLY A 36 -6.97 3.02 14.83
CA GLY A 36 -7.61 4.15 15.48
C GLY A 36 -7.84 5.35 14.57
N GLY A 37 -7.43 5.26 13.31
CA GLY A 37 -7.60 6.38 12.39
C GLY A 37 -9.02 6.49 11.86
N ARG A 38 -9.23 7.52 11.03
CA ARG A 38 -10.55 7.77 10.42
C ARG A 38 -10.61 7.29 8.97
N ASN A 39 -9.47 6.89 8.40
CA ASN A 39 -9.41 6.42 7.02
C ASN A 39 -9.47 7.59 6.03
N ILE A 40 -8.51 8.49 6.16
CA ILE A 40 -8.41 9.67 5.30
C ILE A 40 -7.43 9.43 4.15
N LYS A 41 -6.42 8.60 4.39
CA LYS A 41 -5.42 8.28 3.38
C LYS A 41 -5.95 7.23 2.42
N LYS A 42 -6.58 6.20 2.99
CA LYS A 42 -7.15 5.09 2.22
C LYS A 42 -6.13 4.54 1.22
N GLN A 43 -4.92 4.30 1.70
CA GLN A 43 -3.85 3.80 0.85
C GLN A 43 -3.10 2.67 1.54
N CYS A 44 -2.18 2.03 0.82
CA CYS A 44 -1.40 0.93 1.37
C CYS A 44 -0.34 1.43 2.36
N CYS A 45 -0.02 0.57 3.32
CA CYS A 45 1.00 0.89 4.34
C CYS A 45 2.26 1.45 3.71
N LYS A 46 2.84 2.49 4.35
CA LYS A 46 4.07 3.13 3.87
C LYS A 46 5.22 2.12 3.70
N MET A 47 5.25 1.12 4.59
CA MET A 47 6.26 0.07 4.54
C MET A 47 5.88 -1.02 3.55
N ARG A 48 4.61 -1.04 3.12
CA ARG A 48 4.14 -2.05 2.18
C ARG A 48 3.88 -1.47 0.78
N LYS A 49 4.07 -0.16 0.60
CA LYS A 49 3.86 0.46 -0.70
C LYS A 49 4.84 -0.08 -1.72
N CYS A 50 4.31 -0.68 -2.77
CA CYS A 50 5.11 -1.26 -3.84
C CYS A 50 5.97 -0.19 -4.52
N GLN A 51 7.26 -0.50 -4.64
CA GLN A 51 8.23 0.40 -5.27
C GLN A 51 8.34 0.20 -6.79
N ASN A 52 7.62 -0.81 -7.30
CA ASN A 52 7.64 -1.12 -8.73
C ASN A 52 6.27 -1.60 -9.19
N LEU A 53 5.25 -0.74 -9.03
CA LEU A 53 3.89 -1.06 -9.43
C LEU A 53 3.80 -1.34 -10.93
N GLN A 54 2.98 -2.32 -11.29
CA GLN A 54 2.79 -2.71 -12.68
C GLN A 54 1.34 -2.54 -13.10
N TRP A 55 1.16 -1.96 -14.28
CA TRP A 55 -0.18 -1.75 -14.83
C TRP A 55 -0.65 -2.99 -15.59
N MET A 56 -1.35 -3.86 -14.85
CA MET A 56 -1.89 -5.10 -15.41
C MET A 56 -0.78 -6.03 -15.90
N PRO A 57 0.12 -6.46 -14.99
CA PRO A 57 1.24 -7.34 -15.31
C PRO A 57 0.83 -8.82 -15.43
N SER A 58 -0.14 -9.22 -14.60
CA SER A 58 -0.64 -10.61 -14.57
C SER A 58 0.33 -11.53 -13.81
N LYS A 59 1.55 -11.68 -14.34
CA LYS A 59 2.57 -12.53 -13.73
C LYS A 59 2.12 -13.99 -13.65
N LYS A 3 -0.01 9.25 -16.40
CA LYS A 3 1.35 9.12 -15.81
C LYS A 3 1.73 7.65 -15.61
N LYS A 4 0.92 6.93 -14.82
CA LYS A 4 1.16 5.51 -14.55
C LYS A 4 0.01 4.65 -15.05
N GLY A 5 -1.23 5.01 -14.70
CA GLY A 5 -2.38 4.24 -15.14
C GLY A 5 -3.64 4.55 -14.37
N ARG A 6 -3.85 3.85 -13.26
CA ARG A 6 -5.05 4.02 -12.43
C ARG A 6 -4.95 3.22 -11.14
N ARG A 7 -5.06 1.92 -11.28
CA ARG A 7 -4.97 0.97 -10.16
C ARG A 7 -4.04 -0.18 -10.52
N SER A 8 -2.74 0.06 -10.42
CA SER A 8 -1.73 -0.93 -10.75
C SER A 8 -1.76 -2.15 -9.81
N ARG A 9 -0.81 -3.04 -10.04
CA ARG A 9 -0.70 -4.28 -9.27
C ARG A 9 0.67 -4.43 -8.63
N ARG A 10 0.70 -4.93 -7.40
CA ARG A 10 1.96 -5.12 -6.69
C ARG A 10 2.83 -6.13 -7.47
N CYS A 11 4.10 -5.77 -7.69
CA CYS A 11 5.03 -6.63 -8.44
C CYS A 11 5.25 -7.98 -7.75
N GLY A 12 5.45 -7.96 -6.44
CA GLY A 12 5.68 -9.20 -5.70
C GLY A 12 7.15 -9.48 -5.43
N GLN A 13 8.05 -8.66 -6.01
CA GLN A 13 9.49 -8.85 -5.83
C GLN A 13 10.17 -7.66 -5.15
N CYS A 14 9.49 -6.52 -5.07
CA CYS A 14 10.06 -5.32 -4.44
C CYS A 14 10.11 -5.46 -2.93
N PRO A 15 11.05 -4.76 -2.26
CA PRO A 15 11.20 -4.81 -0.79
C PRO A 15 9.91 -4.42 -0.05
N GLY A 16 9.10 -3.57 -0.66
CA GLY A 16 7.84 -3.16 -0.05
C GLY A 16 6.82 -4.29 -0.06
N CYS A 17 6.85 -5.09 -1.14
CA CYS A 17 5.95 -6.23 -1.29
C CYS A 17 6.32 -7.37 -0.34
N GLN A 18 7.56 -7.36 0.14
CA GLN A 18 8.05 -8.39 1.06
C GLN A 18 7.55 -8.15 2.48
N VAL A 19 7.04 -6.95 2.78
CA VAL A 19 6.49 -6.67 4.10
C VAL A 19 5.10 -7.31 4.18
N PRO A 20 4.95 -8.39 4.98
CA PRO A 20 3.69 -9.14 5.08
C PRO A 20 2.64 -8.52 6.02
N GLU A 21 3.04 -7.53 6.82
CA GLU A 21 2.10 -6.91 7.76
C GLU A 21 2.38 -5.44 7.96
N ASP A 22 1.30 -4.68 8.18
CA ASP A 22 1.38 -3.25 8.42
C ASP A 22 2.30 -2.96 9.59
N CYS A 23 3.26 -2.05 9.39
CA CYS A 23 4.22 -1.68 10.43
C CYS A 23 3.49 -1.16 11.69
N GLY A 24 2.38 -0.48 11.48
CA GLY A 24 1.59 0.05 12.58
C GLY A 24 2.04 1.42 13.06
N VAL A 25 3.13 1.96 12.50
CA VAL A 25 3.64 3.26 12.92
C VAL A 25 3.61 4.32 11.81
N CYS A 26 3.50 3.88 10.54
CA CYS A 26 3.46 4.80 9.41
C CYS A 26 2.13 5.56 9.37
N THR A 27 2.20 6.78 8.84
CA THR A 27 1.00 7.65 8.72
C THR A 27 -0.16 6.94 8.03
N ASN A 28 0.13 6.02 7.12
CA ASN A 28 -0.92 5.31 6.40
C ASN A 28 -1.60 4.30 7.33
N CYS A 29 -0.79 3.64 8.15
CA CYS A 29 -1.30 2.67 9.11
C CYS A 29 -2.13 3.39 10.16
N LEU A 30 -1.57 4.46 10.72
CA LEU A 30 -2.29 5.24 11.73
C LEU A 30 -3.60 5.79 11.17
N ASP A 31 -3.61 6.10 9.86
CA ASP A 31 -4.81 6.61 9.21
C ASP A 31 -5.89 5.54 9.12
N LYS A 32 -5.47 4.27 9.06
CA LYS A 32 -6.42 3.15 8.99
C LYS A 32 -7.17 3.00 10.31
N PRO A 33 -8.44 2.55 10.26
CA PRO A 33 -9.25 2.36 11.47
C PRO A 33 -8.63 1.39 12.47
N LYS A 34 -8.06 0.29 11.96
CA LYS A 34 -7.43 -0.74 12.79
C LYS A 34 -6.33 -0.16 13.69
N PHE A 35 -5.78 1.00 13.33
CA PHE A 35 -4.72 1.64 14.10
C PHE A 35 -5.22 2.90 14.82
N GLY A 36 -6.55 3.09 14.86
CA GLY A 36 -7.13 4.24 15.54
C GLY A 36 -7.45 5.40 14.60
N GLY A 37 -7.07 5.28 13.33
CA GLY A 37 -7.33 6.36 12.38
C GLY A 37 -8.78 6.47 11.96
N ARG A 38 -9.07 7.47 11.14
CA ARG A 38 -10.42 7.70 10.64
C ARG A 38 -10.58 7.24 9.18
N ASN A 39 -9.47 6.93 8.51
CA ASN A 39 -9.50 6.48 7.11
C ASN A 39 -9.65 7.68 6.17
N ILE A 40 -8.69 8.61 6.27
CA ILE A 40 -8.68 9.83 5.47
C ILE A 40 -7.73 9.70 4.27
N LYS A 41 -6.62 8.99 4.45
CA LYS A 41 -5.63 8.79 3.39
C LYS A 41 -6.05 7.66 2.47
N LYS A 42 -6.67 6.62 3.05
CA LYS A 42 -7.14 5.45 2.31
C LYS A 42 -6.07 4.92 1.35
N GLN A 43 -4.90 4.63 1.91
CA GLN A 43 -3.78 4.12 1.11
C GLN A 43 -3.05 2.99 1.84
N CYS A 44 -2.12 2.35 1.14
CA CYS A 44 -1.37 1.23 1.69
C CYS A 44 -0.25 1.69 2.63
N CYS A 45 0.08 0.83 3.59
CA CYS A 45 1.14 1.09 4.56
C CYS A 45 2.42 1.54 3.84
N LYS A 46 3.07 2.58 4.39
CA LYS A 46 4.31 3.14 3.84
C LYS A 46 5.45 2.12 3.87
N MET A 47 5.40 1.20 4.84
CA MET A 47 6.41 0.15 4.99
C MET A 47 6.19 -0.99 4.01
N ARG A 48 4.96 -1.16 3.52
CA ARG A 48 4.65 -2.22 2.57
C ARG A 48 4.25 -1.68 1.19
N LYS A 49 4.43 -0.36 0.97
CA LYS A 49 4.10 0.26 -0.31
C LYS A 49 4.98 -0.29 -1.42
N CYS A 50 4.35 -0.80 -2.47
CA CYS A 50 5.07 -1.36 -3.61
C CYS A 50 5.97 -0.31 -4.26
N GLN A 51 7.27 -0.60 -4.29
CA GLN A 51 8.26 0.30 -4.90
C GLN A 51 8.47 0.00 -6.39
N ASN A 52 7.74 -0.99 -6.91
CA ASN A 52 7.85 -1.37 -8.31
C ASN A 52 6.51 -1.87 -8.83
N LEU A 53 5.49 -1.01 -8.74
CA LEU A 53 4.15 -1.34 -9.20
C LEU A 53 4.15 -1.79 -10.65
N GLN A 54 3.47 -2.89 -10.90
CA GLN A 54 3.35 -3.46 -12.24
C GLN A 54 1.89 -3.47 -12.65
N TRP A 55 1.60 -2.87 -13.80
CA TRP A 55 0.23 -2.81 -14.29
C TRP A 55 -0.25 -4.13 -14.86
N MET A 56 -0.98 -4.87 -14.02
CA MET A 56 -1.56 -6.16 -14.39
C MET A 56 -0.51 -7.09 -14.99
N PRO A 57 0.44 -7.53 -14.15
CA PRO A 57 1.52 -8.42 -14.54
C PRO A 57 1.16 -9.89 -14.28
N SER A 58 0.09 -10.36 -14.93
CA SER A 58 -0.39 -11.73 -14.76
C SER A 58 -0.94 -11.93 -13.34
N LYS A 59 -1.54 -10.87 -12.79
CA LYS A 59 -2.11 -10.91 -11.44
C LYS A 59 -3.29 -9.93 -11.32
N LYS A 3 -6.47 11.14 -13.84
CA LYS A 3 -6.65 10.17 -14.96
C LYS A 3 -7.94 9.34 -14.81
N LYS A 4 -8.26 8.96 -13.56
CA LYS A 4 -9.47 8.17 -13.28
C LYS A 4 -9.35 6.75 -13.84
N GLY A 5 -9.61 5.77 -12.98
CA GLY A 5 -9.54 4.37 -13.39
C GLY A 5 -9.13 3.46 -12.26
N ARG A 6 -7.83 3.43 -11.96
CA ARG A 6 -7.26 2.58 -10.91
C ARG A 6 -6.88 1.24 -11.50
N ARG A 7 -5.59 0.92 -11.46
CA ARG A 7 -5.07 -0.33 -12.00
C ARG A 7 -3.58 -0.48 -11.67
N SER A 8 -3.26 -1.35 -10.73
CA SER A 8 -1.87 -1.55 -10.35
C SER A 8 -1.64 -2.88 -9.61
N ARG A 9 -0.65 -3.63 -10.12
CA ARG A 9 -0.29 -4.93 -9.58
C ARG A 9 1.10 -4.89 -8.95
N ARG A 10 1.21 -5.31 -7.70
CA ARG A 10 2.48 -5.33 -7.02
C ARG A 10 3.46 -6.28 -7.73
N CYS A 11 4.72 -5.88 -7.86
CA CYS A 11 5.72 -6.71 -8.54
C CYS A 11 5.94 -8.05 -7.84
N GLY A 12 6.05 -8.04 -6.51
CA GLY A 12 6.26 -9.27 -5.77
C GLY A 12 7.72 -9.52 -5.42
N GLN A 13 8.63 -8.69 -5.94
CA GLN A 13 10.07 -8.86 -5.69
C GLN A 13 10.70 -7.64 -4.99
N CYS A 14 9.99 -6.52 -4.92
CA CYS A 14 10.52 -5.32 -4.28
C CYS A 14 10.51 -5.44 -2.75
N PRO A 15 11.38 -4.67 -2.06
CA PRO A 15 11.47 -4.71 -0.59
C PRO A 15 10.16 -4.35 0.10
N GLY A 16 9.35 -3.49 -0.55
CA GLY A 16 8.07 -3.12 0.01
C GLY A 16 7.08 -4.26 -0.04
N CYS A 17 7.16 -5.05 -1.11
CA CYS A 17 6.31 -6.22 -1.30
C CYS A 17 6.70 -7.34 -0.34
N GLN A 18 7.93 -7.30 0.17
CA GLN A 18 8.43 -8.31 1.10
C GLN A 18 7.92 -8.08 2.51
N VAL A 19 7.41 -6.87 2.81
CA VAL A 19 6.86 -6.59 4.13
C VAL A 19 5.49 -7.27 4.23
N PRO A 20 5.37 -8.31 5.09
CA PRO A 20 4.12 -9.07 5.23
C PRO A 20 3.04 -8.40 6.07
N GLU A 21 3.40 -7.39 6.87
CA GLU A 21 2.41 -6.71 7.70
C GLU A 21 2.68 -5.22 7.86
N ASP A 22 1.60 -4.46 8.01
CA ASP A 22 1.68 -3.01 8.21
C ASP A 22 2.51 -2.67 9.44
N CYS A 23 3.40 -1.69 9.28
CA CYS A 23 4.28 -1.25 10.35
C CYS A 23 3.48 -0.78 11.57
N GLY A 24 2.36 -0.11 11.30
CA GLY A 24 1.50 0.38 12.36
C GLY A 24 1.87 1.76 12.89
N VAL A 25 2.98 2.33 12.41
CA VAL A 25 3.41 3.65 12.87
C VAL A 25 3.35 4.74 11.80
N CYS A 26 3.25 4.34 10.52
CA CYS A 26 3.19 5.29 9.42
C CYS A 26 1.80 5.95 9.37
N THR A 27 1.77 7.16 8.84
CA THR A 27 0.52 7.94 8.71
C THR A 27 -0.57 7.19 7.95
N ASN A 28 -0.20 6.28 7.05
CA ASN A 28 -1.18 5.52 6.28
C ASN A 28 -1.84 4.47 7.18
N CYS A 29 -1.03 3.80 7.99
CA CYS A 29 -1.52 2.80 8.92
C CYS A 29 -2.37 3.45 10.00
N LEU A 30 -1.87 4.56 10.56
CA LEU A 30 -2.60 5.29 11.60
C LEU A 30 -3.95 5.77 11.09
N ASP A 31 -4.00 6.15 9.81
CA ASP A 31 -5.24 6.63 9.20
C ASP A 31 -6.27 5.51 9.08
N LYS A 32 -5.81 4.26 9.01
CA LYS A 32 -6.71 3.11 8.93
C LYS A 32 -7.46 2.94 10.26
N PRO A 33 -8.71 2.46 10.21
CA PRO A 33 -9.52 2.25 11.41
C PRO A 33 -8.84 1.32 12.43
N LYS A 34 -8.20 0.26 11.92
CA LYS A 34 -7.52 -0.71 12.76
C LYS A 34 -6.46 -0.08 13.69
N PHE A 35 -5.99 1.13 13.33
CA PHE A 35 -4.99 1.83 14.14
C PHE A 35 -5.57 3.07 14.83
N GLY A 36 -6.91 3.19 14.83
CA GLY A 36 -7.57 4.30 15.48
C GLY A 36 -7.86 5.47 14.55
N GLY A 37 -7.48 5.37 13.27
CA GLY A 37 -7.73 6.45 12.33
C GLY A 37 -9.17 6.54 11.90
N ARG A 38 -9.47 7.56 11.08
CA ARG A 38 -10.82 7.79 10.57
C ARG A 38 -10.96 7.35 9.12
N ASN A 39 -9.90 6.75 8.55
CA ASN A 39 -9.92 6.29 7.16
C ASN A 39 -10.04 7.48 6.19
N ILE A 40 -9.10 8.40 6.33
CA ILE A 40 -9.05 9.59 5.47
C ILE A 40 -8.05 9.41 4.34
N LYS A 41 -6.99 8.64 4.60
CA LYS A 41 -5.95 8.38 3.62
C LYS A 41 -6.37 7.25 2.68
N LYS A 42 -6.92 6.19 3.26
CA LYS A 42 -7.39 5.02 2.53
C LYS A 42 -6.32 4.53 1.55
N GLN A 43 -5.12 4.29 2.06
CA GLN A 43 -4.02 3.82 1.22
C GLN A 43 -3.23 2.71 1.90
N CYS A 44 -2.30 2.12 1.14
CA CYS A 44 -1.48 1.02 1.62
C CYS A 44 -0.36 1.50 2.55
N CYS A 45 0.04 0.61 3.46
CA CYS A 45 1.12 0.90 4.41
C CYS A 45 2.37 1.43 3.69
N LYS A 46 3.00 2.45 4.29
CA LYS A 46 4.22 3.08 3.75
C LYS A 46 5.35 2.05 3.58
N MET A 47 5.40 1.07 4.48
CA MET A 47 6.41 0.01 4.45
C MET A 47 6.02 -1.09 3.47
N ARG A 48 4.76 -1.13 3.05
CA ARG A 48 4.28 -2.14 2.14
C ARG A 48 4.03 -1.60 0.72
N LYS A 49 4.28 -0.29 0.51
CA LYS A 49 4.09 0.32 -0.81
C LYS A 49 5.04 -0.28 -1.83
N CYS A 50 4.47 -0.87 -2.88
CA CYS A 50 5.25 -1.49 -3.95
C CYS A 50 6.12 -0.44 -4.66
N GLN A 51 7.42 -0.73 -4.74
CA GLN A 51 8.38 0.15 -5.39
C GLN A 51 8.54 -0.14 -6.89
N ASN A 52 7.83 -1.17 -7.38
CA ASN A 52 7.88 -1.56 -8.78
C ASN A 52 6.49 -2.00 -9.24
N LEU A 53 5.53 -1.11 -9.04
CA LEU A 53 4.13 -1.36 -9.40
C LEU A 53 3.93 -1.59 -10.89
N GLN A 54 3.03 -2.52 -11.20
CA GLN A 54 2.69 -2.81 -12.59
C GLN A 54 1.31 -2.24 -12.84
N TRP A 55 1.08 -1.69 -14.02
CA TRP A 55 -0.20 -1.07 -14.33
C TRP A 55 -1.37 -2.04 -14.44
N MET A 56 -1.08 -3.33 -14.68
CA MET A 56 -2.13 -4.34 -14.81
C MET A 56 -3.19 -3.95 -15.85
N PRO A 57 -4.24 -4.76 -16.03
CA PRO A 57 -5.31 -4.46 -17.01
C PRO A 57 -6.08 -3.18 -16.66
N SER A 58 -6.82 -2.66 -17.64
CA SER A 58 -7.61 -1.44 -17.45
C SER A 58 -6.71 -0.19 -17.37
N LYS A 59 -7.32 0.98 -17.19
CA LYS A 59 -6.59 2.23 -17.11
C LYS A 59 -7.30 3.23 -16.19
#